data_6E0K
#
_entry.id   6E0K
#
_cell.length_a   52.530
_cell.length_b   66.330
_cell.length_c   89.213
_cell.angle_alpha   90.00
_cell.angle_beta   90.00
_cell.angle_gamma   90.00
#
_symmetry.space_group_name_H-M   'P 21 21 21'
#
loop_
_entity.id
_entity.type
_entity.pdbx_description
1 polymer 'cGAS/DncV-like nucleotidyltransferase in E. coli homolog'
2 water water
#
_entity_poly.entity_id   1
_entity_poly.type   'polypeptide(L)'
_entity_poly.pdbx_seq_one_letter_code
;MPVPESQLERWSHQGATTTAKKTHESIRAALDRYKWPKGKPEVYLQGSYKNSTNIRGDSDVDVVVQLNSVFMNNLTAEQK
RRFGFVKSDYTWNDFYSDVERALTDYYGASKVRRGRKTLKVETTYLPADVVVCIQYRKYPPNRKSEDDYIEGMTFYVPSE
DRWVVNYPKLHYENGAAKNQQTNEWYKPTIRMFKNARTYLIEQGAPQDLAPSYFLECLLYNVPDSKFGGTFKDTFCSVIN
WLKRADLSKFRCQNGQDDLFGEFPEQWSEEKARRFLRYMDDLWTGWGQGSHHHHHH
;
_entity_poly.pdbx_strand_id   A
#
# COMPACT_ATOMS: atom_id res chain seq x y z
N PRO A 2 5.44 -0.53 30.64
CA PRO A 2 5.31 0.38 29.50
C PRO A 2 6.61 0.54 28.72
N VAL A 3 6.53 0.99 27.47
CA VAL A 3 7.72 1.23 26.66
C VAL A 3 8.14 2.70 26.82
N PRO A 4 9.42 2.96 27.08
CA PRO A 4 9.89 4.34 27.20
C PRO A 4 9.57 5.17 25.97
N GLU A 5 9.28 6.46 26.21
CA GLU A 5 8.93 7.36 25.11
C GLU A 5 10.04 7.43 24.08
N SER A 6 11.31 7.48 24.52
CA SER A 6 12.42 7.57 23.59
C SER A 6 12.52 6.35 22.69
N GLN A 7 12.15 5.17 23.21
CA GLN A 7 12.13 3.98 22.37
C GLN A 7 11.03 4.07 21.32
N LEU A 8 9.83 4.48 21.73
CA LEU A 8 8.76 4.65 20.76
C LEU A 8 9.11 5.71 19.73
N GLU A 9 9.77 6.79 20.16
CA GLU A 9 10.14 7.84 19.21
C GLU A 9 11.15 7.33 18.20
N ARG A 10 12.15 6.55 18.64
CA ARG A 10 13.07 5.95 17.68
C ARG A 10 12.34 5.06 16.68
N TRP A 11 11.39 4.26 17.17
CA TRP A 11 10.62 3.41 16.27
C TRP A 11 9.77 4.21 15.29
N SER A 12 9.45 5.47 15.61
CA SER A 12 8.67 6.29 14.69
C SER A 12 9.50 6.86 13.53
N HIS A 13 10.82 6.70 13.53
CA HIS A 13 11.63 7.31 12.49
C HIS A 13 11.33 6.72 11.11
N GLN A 14 11.43 7.58 10.10
CA GLN A 14 11.29 7.15 8.72
C GLN A 14 12.65 6.79 8.14
N GLY A 15 12.69 5.71 7.36
CA GLY A 15 13.86 5.44 6.56
C GLY A 15 14.10 6.51 5.51
N ALA A 16 15.34 6.56 5.03
CA ALA A 16 15.67 7.52 3.99
C ALA A 16 14.88 7.20 2.72
N THR A 17 14.57 8.25 1.96
CA THR A 17 13.79 8.09 0.73
C THR A 17 14.53 8.57 -0.52
N THR A 18 15.75 9.08 -0.40
CA THR A 18 16.43 9.64 -1.57
C THR A 18 16.65 8.60 -2.66
N THR A 19 17.11 7.41 -2.27
CA THR A 19 17.40 6.39 -3.26
C THR A 19 16.11 5.84 -3.89
N ALA A 20 15.02 5.76 -3.11
CA ALA A 20 13.74 5.34 -3.66
C ALA A 20 13.22 6.35 -4.67
N LYS A 21 13.36 7.65 -4.36
CA LYS A 21 12.93 8.66 -5.32
C LYS A 21 13.73 8.58 -6.61
N LYS A 22 15.03 8.34 -6.52
CA LYS A 22 15.83 8.21 -7.73
C LYS A 22 15.48 6.96 -8.51
N THR A 23 15.06 5.89 -7.81
CA THR A 23 14.57 4.70 -8.51
C THR A 23 13.35 5.03 -9.34
N HIS A 24 12.41 5.78 -8.74
CA HIS A 24 11.24 6.25 -9.46
C HIS A 24 11.63 7.08 -10.68
N GLU A 25 12.54 8.03 -10.50
CA GLU A 25 12.97 8.88 -11.60
C GLU A 25 13.68 8.07 -12.67
N SER A 26 14.39 7.02 -12.28
CA SER A 26 15.04 6.15 -13.26
C SER A 26 14.02 5.41 -14.13
N ILE A 27 13.02 4.77 -13.51
CA ILE A 27 11.97 4.10 -14.30
C ILE A 27 11.29 5.10 -15.23
N ARG A 28 10.98 6.30 -14.72
CA ARG A 28 10.34 7.32 -15.56
C ARG A 28 11.23 7.67 -16.74
N ALA A 29 12.53 7.82 -16.51
CA ALA A 29 13.43 8.16 -17.60
C ALA A 29 13.52 7.05 -18.63
N ALA A 30 13.48 5.79 -18.19
CA ALA A 30 13.48 4.67 -19.12
C ALA A 30 12.25 4.75 -20.04
N LEU A 31 11.09 5.03 -19.46
CA LEU A 31 9.88 5.05 -20.28
C LEU A 31 9.82 6.29 -21.18
N ASP A 32 10.46 7.39 -20.77
CA ASP A 32 10.51 8.57 -21.62
C ASP A 32 11.25 8.31 -22.92
N ARG A 33 12.16 7.33 -22.94
CA ARG A 33 12.93 7.07 -24.15
C ARG A 33 12.19 6.22 -25.18
N TYR A 34 11.07 5.63 -24.81
CA TYR A 34 10.32 4.72 -25.68
C TYR A 34 9.29 5.48 -26.50
N LYS A 35 8.98 4.95 -27.68
CA LYS A 35 7.96 5.55 -28.54
C LYS A 35 6.64 4.81 -28.28
N TRP A 36 5.69 5.51 -27.68
CA TRP A 36 4.46 4.89 -27.23
C TRP A 36 3.41 4.92 -28.33
N PRO A 37 2.87 3.79 -28.74
CA PRO A 37 1.96 3.81 -29.89
C PRO A 37 0.56 4.32 -29.55
N LYS A 38 0.15 4.23 -28.29
CA LYS A 38 -1.25 4.50 -27.95
C LYS A 38 -1.36 5.22 -26.63
N GLY A 39 -0.43 6.13 -26.36
CA GLY A 39 -0.53 6.84 -25.10
C GLY A 39 0.68 6.54 -24.24
N LYS A 40 1.21 7.57 -23.66
CA LYS A 40 2.36 7.43 -22.77
C LYS A 40 1.87 7.26 -21.34
N PRO A 41 2.31 6.22 -20.63
CA PRO A 41 1.78 5.98 -19.28
C PRO A 41 2.36 6.94 -18.27
N GLU A 42 1.64 7.09 -17.16
CA GLU A 42 2.22 7.80 -16.04
C GLU A 42 2.97 6.82 -15.15
N VAL A 43 3.92 7.35 -14.39
CA VAL A 43 4.76 6.55 -13.52
C VAL A 43 4.72 7.21 -12.15
N TYR A 44 4.25 6.46 -11.15
CA TYR A 44 4.19 7.02 -9.80
C TYR A 44 4.50 5.93 -8.79
N LEU A 45 4.79 6.36 -7.56
CA LEU A 45 5.09 5.41 -6.50
C LEU A 45 3.84 5.07 -5.72
N GLN A 46 3.83 3.86 -5.16
CA GLN A 46 2.84 3.50 -4.17
C GLN A 46 3.58 2.86 -3.01
N GLY A 47 2.85 2.28 -2.06
CA GLY A 47 3.57 1.58 -1.03
C GLY A 47 4.18 2.50 0.00
N SER A 48 5.09 1.92 0.78
CA SER A 48 5.56 2.60 1.99
C SER A 48 6.30 3.89 1.65
N TYR A 49 7.14 3.88 0.62
CA TYR A 49 7.90 5.10 0.32
C TYR A 49 6.96 6.24 -0.08
N LYS A 50 5.98 5.93 -0.93
CA LYS A 50 5.02 6.94 -1.34
C LYS A 50 4.27 7.51 -0.15
N ASN A 51 3.90 6.63 0.78
CA ASN A 51 3.04 7.03 1.89
C ASN A 51 3.82 7.45 3.11
N SER A 52 5.15 7.59 2.97
CA SER A 52 6.03 8.02 4.04
C SER A 52 5.94 7.10 5.25
N THR A 53 5.66 5.82 5.04
CA THR A 53 5.62 4.87 6.13
C THR A 53 6.73 3.85 6.06
N ASN A 54 7.75 4.09 5.22
CA ASN A 54 8.89 3.16 5.15
C ASN A 54 9.74 3.26 6.42
N ILE A 55 10.05 2.10 7.01
CA ILE A 55 10.91 2.08 8.20
C ILE A 55 12.36 1.78 7.86
N ARG A 56 12.66 1.43 6.60
CA ARG A 56 14.03 1.30 6.12
C ARG A 56 14.20 2.16 4.88
N GLY A 57 15.46 2.32 4.47
CA GLY A 57 15.78 3.00 3.23
C GLY A 57 16.24 2.09 2.13
N ASP A 58 16.20 0.77 2.32
CA ASP A 58 16.78 -0.17 1.37
C ASP A 58 15.78 -1.22 0.90
N SER A 59 14.49 -1.02 1.15
CA SER A 59 13.51 -1.97 0.67
C SER A 59 13.20 -1.70 -0.80
N ASP A 60 12.64 -2.70 -1.47
CA ASP A 60 12.30 -2.56 -2.88
C ASP A 60 11.28 -1.44 -3.06
N VAL A 61 11.33 -0.80 -4.21
CA VAL A 61 10.47 0.35 -4.50
C VAL A 61 9.26 -0.12 -5.28
N ASP A 62 8.06 0.27 -4.83
CA ASP A 62 6.82 -0.10 -5.50
C ASP A 62 6.43 0.98 -6.49
N VAL A 63 6.57 0.68 -7.79
CA VAL A 63 6.33 1.64 -8.86
C VAL A 63 5.09 1.23 -9.62
N VAL A 64 4.26 2.20 -9.97
CA VAL A 64 3.07 1.97 -10.79
C VAL A 64 3.29 2.62 -12.16
N VAL A 65 3.10 1.84 -13.21
CA VAL A 65 3.17 2.32 -14.59
C VAL A 65 1.76 2.18 -15.16
N GLN A 66 1.07 3.30 -15.31
CA GLN A 66 -0.39 3.29 -15.52
C GLN A 66 -0.74 3.96 -16.84
N LEU A 67 -1.43 3.23 -17.71
CA LEU A 67 -1.91 3.78 -18.97
C LEU A 67 -3.22 4.51 -18.73
N ASN A 68 -3.31 5.75 -19.19
CA ASN A 68 -4.51 6.57 -18.99
C ASN A 68 -5.20 6.97 -20.28
N SER A 69 -4.70 6.56 -21.43
CA SER A 69 -5.37 6.92 -22.68
C SER A 69 -6.62 6.09 -22.92
N VAL A 70 -6.73 4.96 -22.24
CA VAL A 70 -7.90 4.11 -22.29
C VAL A 70 -8.17 3.66 -20.86
N PHE A 71 -9.36 3.11 -20.64
CA PHE A 71 -9.72 2.69 -19.29
C PHE A 71 -10.58 1.44 -19.33
N MET A 72 -10.32 0.54 -18.40
CA MET A 72 -11.24 -0.54 -18.12
C MET A 72 -12.27 -0.03 -17.11
N ASN A 73 -13.37 -0.76 -16.96
CA ASN A 73 -14.49 -0.20 -16.23
C ASN A 73 -15.52 -1.28 -15.95
N ASN A 74 -16.55 -0.90 -15.20
CA ASN A 74 -17.66 -1.77 -14.87
C ASN A 74 -18.95 -1.41 -15.61
N LEU A 75 -18.84 -0.68 -16.71
CA LEU A 75 -20.02 -0.23 -17.45
C LEU A 75 -20.67 -1.36 -18.23
N THR A 76 -21.99 -1.29 -18.34
CA THR A 76 -22.72 -2.13 -19.27
C THR A 76 -22.60 -1.57 -20.67
N ALA A 77 -22.96 -2.39 -21.65
CA ALA A 77 -22.94 -1.94 -23.03
C ALA A 77 -23.81 -0.70 -23.23
N GLU A 78 -24.98 -0.66 -22.58
CA GLU A 78 -25.86 0.49 -22.71
C GLU A 78 -25.25 1.74 -22.10
N GLN A 79 -24.59 1.61 -20.95
CA GLN A 79 -23.96 2.77 -20.34
C GLN A 79 -22.83 3.29 -21.21
N LYS A 80 -22.05 2.36 -21.79
CA LYS A 80 -20.98 2.77 -22.70
C LYS A 80 -21.55 3.53 -23.90
N ARG A 81 -22.67 3.04 -24.44
CA ARG A 81 -23.32 3.73 -25.56
C ARG A 81 -23.76 5.14 -25.17
N ARG A 82 -24.40 5.28 -24.01
CA ARG A 82 -24.87 6.61 -23.60
C ARG A 82 -23.72 7.60 -23.45
N PHE A 83 -22.53 7.11 -23.10
CA PHE A 83 -21.36 7.97 -22.93
C PHE A 83 -20.56 8.15 -24.22
N GLY A 84 -20.93 7.47 -25.31
CA GLY A 84 -20.17 7.62 -26.53
C GLY A 84 -18.83 6.91 -26.54
N PHE A 85 -18.68 5.85 -25.74
CA PHE A 85 -17.43 5.13 -25.64
C PHE A 85 -17.31 4.07 -26.72
N VAL A 86 -16.07 3.84 -27.15
CA VAL A 86 -15.75 2.78 -28.10
C VAL A 86 -14.66 1.91 -27.49
N LYS A 87 -14.47 0.74 -28.11
CA LYS A 87 -13.47 -0.21 -27.65
C LYS A 87 -12.05 0.27 -28.00
N SER A 88 -11.14 0.18 -27.04
CA SER A 88 -9.72 0.35 -27.32
C SER A 88 -9.21 -0.88 -28.03
N ASP A 89 -8.51 -0.68 -29.15
CA ASP A 89 -7.88 -1.82 -29.80
C ASP A 89 -6.54 -2.15 -29.18
N TYR A 90 -6.05 -1.30 -28.28
CA TYR A 90 -4.80 -1.48 -27.56
C TYR A 90 -5.14 -2.09 -26.21
N THR A 91 -4.62 -3.27 -25.94
CA THR A 91 -5.03 -4.03 -24.77
C THR A 91 -4.01 -3.89 -23.64
N TRP A 92 -4.41 -4.35 -22.45
CA TRP A 92 -3.45 -4.43 -21.35
C TRP A 92 -2.27 -5.30 -21.74
N ASN A 93 -2.54 -6.40 -22.45
CA ASN A 93 -1.48 -7.28 -22.92
C ASN A 93 -0.51 -6.55 -23.85
N ASP A 94 -1.03 -5.76 -24.81
CA ASP A 94 -0.19 -4.95 -25.68
C ASP A 94 0.64 -3.98 -24.87
N PHE A 95 -0.02 -3.28 -23.94
CA PHE A 95 0.66 -2.26 -23.14
C PHE A 95 1.78 -2.89 -22.33
N TYR A 96 1.50 -4.01 -21.67
CA TYR A 96 2.51 -4.73 -20.90
C TYR A 96 3.74 -5.03 -21.77
N SER A 97 3.52 -5.51 -22.99
CA SER A 97 4.65 -5.82 -23.86
C SER A 97 5.45 -4.58 -24.21
N ASP A 98 4.78 -3.43 -24.37
CA ASP A 98 5.50 -2.19 -24.64
C ASP A 98 6.31 -1.76 -23.43
N VAL A 99 5.72 -1.83 -22.23
CA VAL A 99 6.46 -1.44 -21.03
C VAL A 99 7.68 -2.34 -20.85
N GLU A 100 7.49 -3.66 -21.02
CA GLU A 100 8.62 -4.59 -20.89
C GLU A 100 9.72 -4.25 -21.89
N ARG A 101 9.36 -3.94 -23.14
CA ARG A 101 10.35 -3.58 -24.14
C ARG A 101 11.08 -2.30 -23.76
N ALA A 102 10.34 -1.30 -23.28
CA ALA A 102 10.94 -0.04 -22.88
C ALA A 102 11.95 -0.23 -21.76
N LEU A 103 11.59 -1.01 -20.76
CA LEU A 103 12.50 -1.24 -19.64
C LEU A 103 13.72 -2.06 -20.07
N THR A 104 13.50 -3.10 -20.86
CA THR A 104 14.60 -3.92 -21.36
C THR A 104 15.54 -3.10 -22.23
N ASP A 105 15.01 -2.23 -23.08
CA ASP A 105 15.86 -1.40 -23.93
C ASP A 105 16.78 -0.53 -23.09
N TYR A 106 16.25 0.00 -21.98
CA TYR A 106 17.01 0.96 -21.20
C TYR A 106 18.00 0.27 -20.25
N TYR A 107 17.54 -0.72 -19.47
CA TYR A 107 18.38 -1.34 -18.46
C TYR A 107 19.14 -2.56 -18.96
N GLY A 108 18.69 -3.20 -20.04
CA GLY A 108 19.25 -4.44 -20.51
C GLY A 108 18.44 -5.63 -20.05
N ALA A 109 18.40 -6.67 -20.89
CA ALA A 109 17.59 -7.85 -20.59
C ALA A 109 17.96 -8.46 -19.24
N SER A 110 19.23 -8.41 -18.83
CA SER A 110 19.61 -9.06 -17.59
C SER A 110 19.04 -8.36 -16.36
N LYS A 111 18.48 -7.17 -16.51
CA LYS A 111 17.99 -6.39 -15.39
C LYS A 111 16.48 -6.38 -15.27
N VAL A 112 15.77 -7.06 -16.18
CA VAL A 112 14.31 -7.00 -16.25
C VAL A 112 13.75 -8.42 -16.31
N ARG A 113 12.82 -8.74 -15.43
CA ARG A 113 12.24 -10.09 -15.42
C ARG A 113 10.77 -9.99 -15.01
N ARG A 114 9.97 -10.95 -15.49
CA ARG A 114 8.55 -10.99 -15.20
C ARG A 114 8.29 -11.71 -13.88
N GLY A 115 7.50 -11.08 -13.02
CA GLY A 115 6.97 -11.74 -11.84
C GLY A 115 5.53 -12.15 -12.05
N ARG A 116 4.96 -12.73 -10.98
CA ARG A 116 3.56 -13.17 -11.03
C ARG A 116 2.62 -12.01 -11.35
N LYS A 117 2.82 -10.86 -10.69
CA LYS A 117 1.92 -9.73 -10.86
C LYS A 117 2.65 -8.47 -11.27
N THR A 118 3.97 -8.50 -11.36
CA THR A 118 4.77 -7.30 -11.58
C THR A 118 5.95 -7.62 -12.48
N LEU A 119 6.53 -6.56 -13.01
CA LEU A 119 7.82 -6.61 -13.68
C LEU A 119 8.86 -6.17 -12.66
N LYS A 120 9.90 -6.98 -12.47
CA LYS A 120 10.96 -6.63 -11.53
C LYS A 120 12.13 -6.04 -12.30
N VAL A 121 12.63 -4.90 -11.83
CA VAL A 121 13.67 -4.16 -12.52
C VAL A 121 14.79 -3.88 -11.54
N GLU A 122 16.02 -4.28 -11.88
CA GLU A 122 17.21 -3.89 -11.12
C GLU A 122 17.73 -2.57 -11.69
N THR A 123 17.50 -1.48 -10.98
CA THR A 123 18.05 -0.18 -11.38
C THR A 123 19.42 0.03 -10.74
N THR A 124 20.06 1.15 -11.08
CA THR A 124 21.31 1.53 -10.42
C THR A 124 21.10 2.11 -9.04
N TYR A 125 19.84 2.22 -8.59
CA TYR A 125 19.53 2.72 -7.27
C TYR A 125 19.00 1.53 -6.46
N LEU A 126 17.69 1.36 -6.32
CA LEU A 126 17.09 0.20 -5.69
C LEU A 126 16.36 -0.68 -6.70
N PRO A 127 16.08 -1.93 -6.33
CA PRO A 127 15.22 -2.74 -7.17
C PRO A 127 13.80 -2.18 -7.15
N ALA A 128 13.15 -2.27 -8.30
CA ALA A 128 11.80 -1.76 -8.47
C ALA A 128 10.86 -2.94 -8.75
N ASP A 129 9.71 -2.91 -8.10
CA ASP A 129 8.64 -3.86 -8.38
C ASP A 129 7.58 -3.06 -9.11
N VAL A 130 7.43 -3.31 -10.41
CA VAL A 130 6.68 -2.44 -11.29
C VAL A 130 5.33 -3.08 -11.60
N VAL A 131 4.25 -2.42 -11.19
CA VAL A 131 2.90 -2.87 -11.53
C VAL A 131 2.48 -2.17 -12.82
N VAL A 132 2.27 -2.95 -13.87
CA VAL A 132 1.83 -2.45 -15.16
C VAL A 132 0.32 -2.54 -15.20
N CYS A 133 -0.34 -1.40 -15.38
CA CYS A 133 -1.80 -1.38 -15.20
C CYS A 133 -2.44 -0.36 -16.14
N ILE A 134 -3.77 -0.47 -16.27
CA ILE A 134 -4.55 0.49 -17.04
C ILE A 134 -5.54 1.14 -16.07
N GLN A 135 -5.83 2.42 -16.31
CA GLN A 135 -6.83 3.12 -15.53
C GLN A 135 -8.12 2.31 -15.47
N TYR A 136 -8.71 2.24 -14.28
CA TYR A 136 -9.99 1.56 -14.07
C TYR A 136 -10.98 2.60 -13.54
N ARG A 137 -12.16 2.65 -14.15
CA ARG A 137 -13.21 3.56 -13.70
C ARG A 137 -14.36 2.75 -13.14
N LYS A 138 -14.66 2.96 -11.86
CA LYS A 138 -15.81 2.34 -11.22
C LYS A 138 -16.95 3.34 -11.26
N TYR A 139 -17.95 3.07 -12.11
CA TYR A 139 -19.10 3.93 -12.31
C TYR A 139 -20.27 3.46 -11.49
N PRO A 140 -21.15 4.39 -11.12
CA PRO A 140 -22.38 4.02 -10.42
C PRO A 140 -23.41 3.44 -11.36
N PRO A 141 -24.43 2.78 -10.82
CA PRO A 141 -25.49 2.19 -11.66
C PRO A 141 -26.33 3.23 -12.38
N ASN A 142 -27.03 2.76 -13.42
CA ASN A 142 -28.02 3.53 -14.17
C ASN A 142 -27.38 4.68 -14.94
N ARG A 143 -28.18 5.70 -15.27
CA ARG A 143 -27.74 6.79 -16.15
C ARG A 143 -27.29 7.97 -15.30
N LYS A 144 -25.97 8.18 -15.23
CA LYS A 144 -25.35 9.25 -14.45
C LYS A 144 -24.39 10.03 -15.33
N SER A 145 -23.70 11.01 -14.74
CA SER A 145 -22.80 11.87 -15.48
C SER A 145 -21.51 11.15 -15.84
N GLU A 146 -20.89 11.54 -16.96
CA GLU A 146 -19.68 10.87 -17.40
C GLU A 146 -18.48 11.14 -16.50
N ASP A 147 -18.54 12.18 -15.66
CA ASP A 147 -17.46 12.47 -14.72
C ASP A 147 -17.70 11.87 -13.34
N ASP A 148 -18.82 11.17 -13.15
CA ASP A 148 -19.17 10.58 -11.85
C ASP A 148 -18.65 9.15 -11.84
N TYR A 149 -17.38 8.99 -11.45
CA TYR A 149 -16.79 7.67 -11.30
C TYR A 149 -15.65 7.78 -10.30
N ILE A 150 -15.24 6.63 -9.78
CA ILE A 150 -14.09 6.52 -8.89
C ILE A 150 -12.96 5.88 -9.67
N GLU A 151 -11.78 6.50 -9.63
CA GLU A 151 -10.66 6.06 -10.45
C GLU A 151 -9.75 5.15 -9.65
N GLY A 152 -9.45 3.99 -10.23
CA GLY A 152 -8.42 3.10 -9.76
C GLY A 152 -7.56 2.66 -10.93
N MET A 153 -7.01 1.45 -10.82
CA MET A 153 -6.28 0.86 -11.92
C MET A 153 -6.48 -0.65 -11.85
N THR A 154 -6.14 -1.33 -12.94
CA THR A 154 -6.36 -2.76 -12.99
C THR A 154 -5.28 -3.42 -13.83
N PHE A 155 -5.04 -4.70 -13.53
CA PHE A 155 -4.09 -5.50 -14.28
C PHE A 155 -4.56 -6.95 -14.26
N TYR A 156 -4.09 -7.71 -15.23
CA TYR A 156 -4.44 -9.11 -15.39
C TYR A 156 -3.35 -9.98 -14.77
N VAL A 157 -3.76 -11.09 -14.18
CA VAL A 157 -2.82 -12.07 -13.64
C VAL A 157 -2.94 -13.33 -14.49
N PRO A 158 -2.03 -13.55 -15.44
CA PRO A 158 -2.20 -14.68 -16.36
C PRO A 158 -2.22 -16.03 -15.69
N SER A 159 -1.51 -16.20 -14.58
CA SER A 159 -1.46 -17.49 -13.90
C SER A 159 -2.73 -17.80 -13.14
N GLU A 160 -3.62 -16.81 -12.98
CA GLU A 160 -4.83 -17.00 -12.21
C GLU A 160 -6.09 -16.65 -12.99
N ASP A 161 -5.97 -16.26 -14.25
CA ASP A 161 -7.11 -15.83 -15.07
C ASP A 161 -8.04 -14.92 -14.26
N ARG A 162 -7.48 -13.81 -13.78
CA ARG A 162 -8.33 -12.88 -13.06
C ARG A 162 -7.75 -11.48 -13.18
N TRP A 163 -8.63 -10.51 -13.00
CA TRP A 163 -8.27 -9.10 -12.96
C TRP A 163 -8.25 -8.62 -11.52
N VAL A 164 -7.28 -7.76 -11.21
CA VAL A 164 -7.16 -7.12 -9.91
C VAL A 164 -7.43 -5.64 -10.12
N VAL A 165 -8.22 -5.04 -9.23
CA VAL A 165 -8.46 -3.60 -9.22
C VAL A 165 -7.91 -3.03 -7.92
N ASN A 166 -7.04 -2.04 -8.03
CA ASN A 166 -6.50 -1.35 -6.87
C ASN A 166 -6.75 0.15 -6.99
N TYR A 167 -6.60 0.84 -5.86
CA TYR A 167 -6.84 2.29 -5.78
C TYR A 167 -5.70 2.99 -5.06
N PRO A 168 -4.48 2.87 -5.55
CA PRO A 168 -3.34 3.44 -4.80
C PRO A 168 -3.40 4.95 -4.66
N LYS A 169 -3.94 5.67 -5.64
CA LYS A 169 -4.02 7.13 -5.52
C LYS A 169 -4.94 7.53 -4.37
N LEU A 170 -6.06 6.82 -4.21
CA LEU A 170 -6.97 7.13 -3.11
C LEU A 170 -6.37 6.72 -1.77
N HIS A 171 -5.68 5.58 -1.74
CA HIS A 171 -4.93 5.20 -0.54
C HIS A 171 -4.00 6.33 -0.11
N TYR A 172 -3.24 6.87 -1.06
CA TYR A 172 -2.31 7.95 -0.73
C TYR A 172 -3.05 9.20 -0.27
N GLU A 173 -4.06 9.62 -1.04
CA GLU A 173 -4.80 10.83 -0.76
C GLU A 173 -5.41 10.80 0.63
N ASN A 174 -6.03 9.66 0.98
CA ASN A 174 -6.73 9.60 2.27
C ASN A 174 -5.75 9.52 3.43
N GLY A 175 -4.63 8.82 3.24
CA GLY A 175 -3.60 8.80 4.28
C GLY A 175 -2.99 10.17 4.51
N ALA A 176 -2.78 10.93 3.43
CA ALA A 176 -2.27 12.29 3.58
C ALA A 176 -3.27 13.17 4.31
N ALA A 177 -4.56 13.02 3.99
CA ALA A 177 -5.59 13.82 4.66
C ALA A 177 -5.63 13.50 6.14
N LYS A 178 -5.58 12.23 6.51
CA LYS A 178 -5.57 11.86 7.92
C LYS A 178 -4.32 12.40 8.60
N ASN A 179 -3.18 12.40 7.89
CA ASN A 179 -1.97 12.94 8.51
C ASN A 179 -2.12 14.43 8.77
N GLN A 180 -2.72 15.16 7.83
CA GLN A 180 -2.94 16.60 8.05
C GLN A 180 -3.83 16.84 9.26
N GLN A 181 -4.88 16.02 9.40
CA GLN A 181 -5.88 16.25 10.44
C GLN A 181 -5.45 15.74 11.82
N THR A 182 -4.39 14.94 11.90
CA THR A 182 -3.81 14.51 13.16
C THR A 182 -2.56 15.31 13.51
N ASN A 183 -2.41 16.52 12.97
CA ASN A 183 -1.22 17.34 13.20
C ASN A 183 0.05 16.54 12.96
N GLU A 184 0.02 15.72 11.90
CA GLU A 184 1.16 15.00 11.36
C GLU A 184 1.61 13.85 12.26
N TRP A 185 0.72 13.34 13.11
CA TRP A 185 1.04 12.20 13.95
C TRP A 185 0.70 10.86 13.31
N TYR A 186 -0.17 10.84 12.30
CA TYR A 186 -0.63 9.55 11.76
C TYR A 186 0.52 8.74 11.17
N LYS A 187 1.33 9.34 10.31
CA LYS A 187 2.37 8.54 9.67
C LYS A 187 3.47 8.13 10.64
N PRO A 188 3.96 9.01 11.54
CA PRO A 188 4.90 8.53 12.56
C PRO A 188 4.33 7.41 13.40
N THR A 189 3.02 7.43 13.66
CA THR A 189 2.42 6.37 14.47
C THR A 189 2.42 5.05 13.71
N ILE A 190 2.10 5.08 12.41
CA ILE A 190 2.21 3.87 11.60
C ILE A 190 3.62 3.30 11.68
N ARG A 191 4.62 4.17 11.54
CA ARG A 191 5.99 3.69 11.55
C ARG A 191 6.36 3.12 12.91
N MET A 192 5.92 3.78 13.99
CA MET A 192 6.14 3.26 15.34
C MET A 192 5.61 1.83 15.47
N PHE A 193 4.38 1.59 15.03
CA PHE A 193 3.82 0.25 15.15
C PHE A 193 4.51 -0.74 14.21
N LYS A 194 4.89 -0.31 13.00
CA LYS A 194 5.67 -1.18 12.13
C LYS A 194 6.98 -1.60 12.79
N ASN A 195 7.71 -0.64 13.35
CA ASN A 195 8.97 -0.99 14.01
C ASN A 195 8.74 -1.81 15.28
N ALA A 196 7.67 -1.55 16.01
CA ALA A 196 7.36 -2.41 17.16
C ALA A 196 7.12 -3.85 16.72
N ARG A 197 6.32 -4.02 15.66
CA ARG A 197 6.08 -5.33 15.06
C ARG A 197 7.40 -6.00 14.65
N THR A 198 8.24 -5.28 13.91
CA THR A 198 9.48 -5.87 13.40
C THR A 198 10.46 -6.19 14.52
N TYR A 199 10.48 -5.37 15.57
CA TYR A 199 11.27 -5.69 16.76
C TYR A 199 10.85 -7.05 17.33
N LEU A 200 9.54 -7.33 17.38
CA LEU A 200 9.08 -8.60 17.91
C LEU A 200 9.38 -9.75 16.97
N ILE A 201 9.20 -9.53 15.65
CA ILE A 201 9.50 -10.58 14.68
C ILE A 201 10.98 -10.97 14.76
N GLU A 202 11.86 -9.97 14.96
CA GLU A 202 13.28 -10.28 15.10
C GLU A 202 13.55 -11.20 16.28
N GLN A 203 12.70 -11.13 17.31
CA GLN A 203 12.86 -11.97 18.49
C GLN A 203 12.12 -13.29 18.40
N GLY A 204 11.42 -13.56 17.31
CA GLY A 204 10.75 -14.84 17.12
C GLY A 204 9.25 -14.77 16.95
N ALA A 205 8.63 -13.58 16.97
CA ALA A 205 7.20 -13.47 16.75
C ALA A 205 6.83 -13.84 15.32
N PRO A 206 5.55 -14.14 15.05
CA PRO A 206 5.17 -14.62 13.72
C PRO A 206 5.54 -13.63 12.62
N GLN A 207 6.05 -14.19 11.51
CA GLN A 207 6.44 -13.38 10.36
C GLN A 207 5.31 -12.50 9.87
N ASP A 208 4.07 -12.98 9.96
CA ASP A 208 2.92 -12.25 9.46
C ASP A 208 2.15 -11.55 10.58
N LEU A 209 2.84 -11.11 11.62
CA LEU A 209 2.18 -10.46 12.76
C LEU A 209 1.37 -9.24 12.32
N ALA A 210 1.89 -8.44 11.40
CA ALA A 210 1.07 -7.34 10.90
C ALA A 210 1.61 -6.86 9.56
N PRO A 211 1.19 -7.48 8.46
CA PRO A 211 1.67 -7.04 7.14
C PRO A 211 1.41 -5.55 6.95
N SER A 212 2.37 -4.87 6.32
CA SER A 212 2.40 -3.41 6.34
C SER A 212 1.11 -2.80 5.83
N TYR A 213 0.63 -3.25 4.68
CA TYR A 213 -0.57 -2.65 4.12
C TYR A 213 -1.76 -2.83 5.04
N PHE A 214 -1.96 -4.05 5.57
CA PHE A 214 -3.08 -4.29 6.49
C PHE A 214 -2.95 -3.46 7.75
N LEU A 215 -1.71 -3.26 8.24
CA LEU A 215 -1.52 -2.47 9.44
C LEU A 215 -1.87 -1.01 9.20
N GLU A 216 -1.48 -0.47 8.03
CA GLU A 216 -1.88 0.90 7.69
C GLU A 216 -3.40 1.03 7.64
N CYS A 217 -4.06 0.07 6.98
CA CYS A 217 -5.51 0.11 6.91
C CYS A 217 -6.15 0.01 8.29
N LEU A 218 -5.60 -0.84 9.16
CA LEU A 218 -6.15 -0.97 10.50
C LEU A 218 -6.07 0.37 11.24
N LEU A 219 -4.92 1.01 11.18
CA LEU A 219 -4.74 2.28 11.88
C LEU A 219 -5.55 3.41 11.24
N TYR A 220 -5.80 3.33 9.93
CA TYR A 220 -6.61 4.35 9.28
C TYR A 220 -8.00 4.45 9.90
N ASN A 221 -8.51 3.34 10.42
CA ASN A 221 -9.85 3.31 10.99
C ASN A 221 -9.94 3.88 12.40
N VAL A 222 -8.81 4.21 13.01
CA VAL A 222 -8.79 4.70 14.39
C VAL A 222 -9.12 6.18 14.39
N PRO A 223 -9.98 6.67 15.30
CA PRO A 223 -10.32 8.10 15.32
C PRO A 223 -9.09 8.98 15.43
N ASP A 224 -9.16 10.15 14.78
CA ASP A 224 -8.01 11.06 14.76
C ASP A 224 -7.58 11.47 16.17
N SER A 225 -8.54 11.52 17.11
CA SER A 225 -8.27 11.94 18.49
C SER A 225 -7.25 11.04 19.20
N LYS A 226 -7.04 9.81 18.71
CA LYS A 226 -6.11 8.91 19.36
C LYS A 226 -4.66 9.20 19.01
N PHE A 227 -4.40 10.02 18.00
CA PHE A 227 -3.04 10.27 17.52
C PHE A 227 -2.59 11.63 18.02
N GLY A 228 -1.58 11.66 18.86
CA GLY A 228 -1.05 12.96 19.27
C GLY A 228 -0.55 12.94 20.71
N GLY A 229 -0.04 14.09 21.12
CA GLY A 229 0.46 14.26 22.48
C GLY A 229 1.85 13.73 22.69
N THR A 230 1.95 12.42 22.92
CA THR A 230 3.22 11.73 23.01
C THR A 230 3.06 10.38 22.32
N PHE A 231 4.19 9.73 22.04
CA PHE A 231 4.08 8.41 21.45
C PHE A 231 3.54 7.40 22.47
N LYS A 232 3.83 7.58 23.76
CA LYS A 232 3.28 6.67 24.76
C LYS A 232 1.77 6.78 24.82
N ASP A 233 1.25 8.01 24.84
CA ASP A 233 -0.20 8.19 24.88
C ASP A 233 -0.84 7.69 23.59
N THR A 234 -0.17 7.89 22.46
CA THR A 234 -0.71 7.42 21.19
C THR A 234 -0.71 5.90 21.14
N PHE A 235 0.40 5.28 21.54
CA PHE A 235 0.47 3.81 21.54
C PHE A 235 -0.71 3.23 22.30
N CYS A 236 -0.95 3.73 23.51
CA CYS A 236 -1.99 3.15 24.37
C CYS A 236 -3.38 3.54 23.89
N SER A 237 -3.56 4.80 23.48
CA SER A 237 -4.89 5.22 23.05
C SER A 237 -5.32 4.48 21.80
N VAL A 238 -4.38 4.26 20.87
CA VAL A 238 -4.72 3.54 19.63
C VAL A 238 -5.05 2.09 19.95
N ILE A 239 -4.18 1.40 20.71
CA ILE A 239 -4.38 -0.02 20.95
C ILE A 239 -5.62 -0.25 21.80
N ASN A 240 -5.86 0.59 22.79
CA ASN A 240 -7.04 0.41 23.62
C ASN A 240 -8.33 0.65 22.85
N TRP A 241 -8.34 1.60 21.91
CA TRP A 241 -9.53 1.79 21.11
C TRP A 241 -9.77 0.60 20.19
N LEU A 242 -8.72 0.07 19.56
CA LEU A 242 -8.87 -1.08 18.68
C LEU A 242 -9.37 -2.31 19.44
N LYS A 243 -8.92 -2.48 20.69
CA LYS A 243 -9.36 -3.64 21.48
C LYS A 243 -10.85 -3.61 21.76
N ARG A 244 -11.44 -2.41 21.82
CA ARG A 244 -12.86 -2.23 22.12
C ARG A 244 -13.71 -2.02 20.87
N ALA A 245 -13.10 -1.96 19.69
CA ALA A 245 -13.81 -1.59 18.48
C ALA A 245 -14.47 -2.80 17.83
N ASP A 246 -15.49 -2.53 17.03
CA ASP A 246 -16.07 -3.52 16.13
C ASP A 246 -15.30 -3.45 14.83
N LEU A 247 -14.42 -4.44 14.62
CA LEU A 247 -13.54 -4.43 13.45
C LEU A 247 -14.28 -4.76 12.16
N SER A 248 -15.48 -5.35 12.25
CA SER A 248 -16.05 -6.06 11.11
C SER A 248 -16.31 -5.15 9.91
N LYS A 249 -16.63 -3.88 10.15
CA LYS A 249 -16.92 -2.96 9.07
C LYS A 249 -15.76 -2.04 8.72
N PHE A 250 -14.54 -2.35 9.17
CA PHE A 250 -13.40 -1.52 8.81
C PHE A 250 -13.21 -1.51 7.31
N ARG A 251 -12.86 -0.35 6.78
CA ARG A 251 -12.61 -0.17 5.37
C ARG A 251 -11.13 0.09 5.17
N CYS A 252 -10.62 -0.31 4.03
CA CYS A 252 -9.24 0.00 3.70
C CYS A 252 -9.05 1.52 3.56
N GLN A 253 -7.79 1.94 3.65
CA GLN A 253 -7.48 3.36 3.56
C GLN A 253 -7.93 3.95 2.22
N ASN A 254 -8.00 3.14 1.16
CA ASN A 254 -8.47 3.66 -0.12
C ASN A 254 -9.96 3.99 -0.14
N GLY A 255 -10.71 3.62 0.92
CA GLY A 255 -12.13 3.90 0.99
C GLY A 255 -13.01 3.01 0.13
N GLN A 256 -12.43 2.03 -0.56
CA GLN A 256 -13.18 1.19 -1.49
C GLN A 256 -13.38 -0.24 -1.02
N ASP A 257 -12.37 -0.83 -0.43
CA ASP A 257 -12.33 -2.25 -0.09
C ASP A 257 -12.62 -2.46 1.40
N ASP A 258 -13.16 -3.64 1.71
CA ASP A 258 -13.22 -4.09 3.09
C ASP A 258 -11.87 -4.61 3.54
N LEU A 259 -11.50 -4.28 4.78
CA LEU A 259 -10.23 -4.75 5.30
C LEU A 259 -10.28 -6.23 5.64
N PHE A 260 -11.42 -6.71 6.13
CA PHE A 260 -11.55 -8.07 6.64
C PHE A 260 -12.48 -8.90 5.76
N GLY A 261 -12.08 -10.14 5.50
CA GLY A 261 -12.89 -11.01 4.67
C GLY A 261 -12.15 -12.29 4.38
N GLU A 262 -12.74 -13.09 3.49
CA GLU A 262 -12.24 -14.43 3.22
C GLU A 262 -11.20 -14.49 2.10
N PHE A 263 -11.04 -13.43 1.33
CA PHE A 263 -10.06 -13.46 0.25
C PHE A 263 -8.66 -13.18 0.78
N PRO A 264 -7.62 -13.66 0.10
CA PRO A 264 -6.25 -13.32 0.52
C PRO A 264 -5.91 -11.85 0.35
N GLU A 265 -6.68 -11.11 -0.46
CA GLU A 265 -6.54 -9.65 -0.54
C GLU A 265 -6.96 -8.96 0.75
N GLN A 266 -7.65 -9.66 1.64
CA GLN A 266 -8.15 -9.11 2.88
C GLN A 266 -7.43 -9.75 4.06
N TRP A 267 -7.51 -9.06 5.19
CA TRP A 267 -6.95 -9.56 6.43
C TRP A 267 -8.02 -10.37 7.15
N SER A 268 -7.76 -10.77 8.39
CA SER A 268 -8.77 -11.41 9.20
C SER A 268 -8.82 -10.73 10.56
N GLU A 269 -10.03 -10.66 11.12
CA GLU A 269 -10.17 -10.06 12.44
C GLU A 269 -9.31 -10.80 13.46
N GLU A 270 -9.20 -12.11 13.34
CA GLU A 270 -8.40 -12.86 14.30
C GLU A 270 -6.94 -12.48 14.22
N LYS A 271 -6.42 -12.24 13.00
CA LYS A 271 -5.04 -11.78 12.87
C LYS A 271 -4.85 -10.39 13.45
N ALA A 272 -5.84 -9.51 13.26
CA ALA A 272 -5.77 -8.18 13.87
C ALA A 272 -5.78 -8.28 15.38
N ARG A 273 -6.65 -9.12 15.95
CA ARG A 273 -6.66 -9.30 17.41
C ARG A 273 -5.34 -9.85 17.91
N ARG A 274 -4.71 -10.74 17.14
CA ARG A 274 -3.40 -11.25 17.53
C ARG A 274 -2.38 -10.11 17.60
N PHE A 275 -2.36 -9.24 16.60
CA PHE A 275 -1.46 -8.10 16.64
C PHE A 275 -1.69 -7.27 17.90
N LEU A 276 -2.96 -7.06 18.27
CA LEU A 276 -3.23 -6.28 19.47
C LEU A 276 -2.72 -6.98 20.73
N ARG A 277 -2.85 -8.30 20.79
CA ARG A 277 -2.29 -9.05 21.92
C ARG A 277 -0.78 -8.90 22.00
N TYR A 278 -0.09 -8.91 20.86
CA TYR A 278 1.35 -8.78 20.89
C TYR A 278 1.77 -7.37 21.30
N MET A 279 1.01 -6.36 20.89
CA MET A 279 1.31 -5.00 21.33
C MET A 279 1.07 -4.84 22.83
N ASP A 280 -0.02 -5.42 23.34
CA ASP A 280 -0.27 -5.43 24.77
C ASP A 280 0.91 -6.04 25.53
N ASP A 281 1.35 -7.23 25.08
CA ASP A 281 2.42 -7.93 25.79
C ASP A 281 3.72 -7.16 25.73
N LEU A 282 4.02 -6.56 24.58
CA LEU A 282 5.23 -5.72 24.46
C LEU A 282 5.20 -4.60 25.48
N TRP A 283 4.06 -3.92 25.58
CA TRP A 283 3.89 -2.80 26.48
C TRP A 283 4.01 -3.23 27.94
N THR A 284 3.22 -4.23 28.34
CA THR A 284 3.19 -4.62 29.76
C THR A 284 4.48 -5.30 30.18
N GLY A 285 5.14 -5.99 29.27
CA GLY A 285 6.37 -6.70 29.61
C GLY A 285 7.59 -5.81 29.73
N TRP A 286 7.55 -4.62 29.15
CA TRP A 286 8.73 -3.76 29.14
C TRP A 286 8.97 -3.19 30.52
N GLY A 287 10.18 -3.37 31.03
CA GLY A 287 10.51 -2.92 32.35
C GLY A 287 10.12 -3.88 33.46
N GLN A 288 9.63 -5.06 33.14
CA GLN A 288 9.21 -5.99 34.17
C GLN A 288 10.28 -7.04 34.43
N GLY A 289 10.47 -7.37 35.71
CA GLY A 289 11.38 -8.43 36.07
C GLY A 289 10.67 -9.77 36.12
N SER A 290 11.42 -10.84 35.88
CA SER A 290 10.87 -12.20 35.91
C SER A 290 11.74 -13.13 36.76
N HIS A 291 11.18 -14.29 37.06
CA HIS A 291 11.94 -15.39 37.64
C HIS A 291 11.17 -16.67 37.35
N HIS A 292 11.84 -17.81 37.51
CA HIS A 292 11.13 -19.05 37.29
C HIS A 292 10.06 -19.25 38.35
N HIS A 293 8.99 -19.97 37.99
CA HIS A 293 7.86 -20.08 38.91
C HIS A 293 8.22 -20.80 40.20
N HIS A 294 9.28 -21.59 40.21
CA HIS A 294 9.65 -22.27 41.45
C HIS A 294 10.37 -21.36 42.43
N HIS A 295 10.69 -20.13 42.04
CA HIS A 295 11.32 -19.17 42.94
C HIS A 295 10.34 -18.13 43.49
N HIS A 296 9.14 -18.04 42.94
CA HIS A 296 8.13 -17.10 43.41
C HIS A 296 7.80 -17.30 44.90
#